data_9R4S
#
_entry.id   9R4S
#
_cell.length_a   107.064
_cell.length_b   107.064
_cell.length_c   126.337
_cell.angle_alpha   90.000
_cell.angle_beta   90.000
_cell.angle_gamma   120.000
#
_symmetry.space_group_name_H-M   'P 31 2 1'
#
loop_
_entity.id
_entity.type
_entity.pdbx_description
1 polymer 'Uncharacterized protein'
2 branched beta-D-glucopyranose-(1-3)-beta-D-glucopyranose
3 non-polymer beta-D-glucopyranose
4 non-polymer GLYCEROL
5 non-polymer 'FORMIC ACID'
6 water water
#
_entity_poly.entity_id   1
_entity_poly.type   'polypeptide(L)'
_entity_poly.pdbx_seq_one_letter_code
;MAGIADLTAALASADRNRVTRVEAMRRSPTTISLSTLGALSALWGILYFMTCSGRNSRGVLADASSGMLQTRQSDSESLN
STGLAQAAINGLNARFYESSNARWSSDEPWWISGVALTMVIEYMRRSGSKEYLDQVEDVIEVQRQPLSWWPSGEGEFRAD
ATDDTGWWALAMVRMYDLTGNEDYLNISIKDEAYMRQWWTDTECGGGLYVDIQDLTYKNAIANELYLKLVASLANRAPNA
TIYLDRAQQAWTWFLGSGMINGVNLINDGLARDSNTGSCYNNRLPVWTYNQGVILGALVELYHATKDESYLLSAQAIADA
VLSPSNGLTSSSGVLTETCEGSDSCNQDQQVFKGVFALNLAELGDAVAGASSDPDAGQDYREYLDTNMQSMYANDRSEIV
PTLFDSSTGDLYDVSWSGPFRNATMPKQASAIGLYVANI
;
_entity_poly.pdbx_strand_id   A
#
loop_
_chem_comp.id
_chem_comp.type
_chem_comp.name
_chem_comp.formula
BGC D-saccharide, beta linking beta-D-glucopyranose 'C6 H12 O6'
FMT non-polymer 'FORMIC ACID' 'C H2 O2'
GOL non-polymer GLYCEROL 'C3 H8 O3'
#
# COMPACT_ATOMS: atom_id res chain seq x y z
N SER A 78 -21.42 -6.57 14.49
CA SER A 78 -21.15 -6.86 15.89
C SER A 78 -19.64 -6.92 16.15
N LEU A 79 -18.85 -6.60 15.14
CA LEU A 79 -17.40 -6.59 15.24
C LEU A 79 -16.90 -5.17 15.30
N ASN A 80 -16.02 -4.88 16.27
CA ASN A 80 -15.46 -3.55 16.43
C ASN A 80 -14.11 -3.50 15.72
N SER A 81 -14.11 -2.94 14.50
CA SER A 81 -12.87 -2.88 13.74
C SER A 81 -11.86 -1.92 14.37
N THR A 82 -12.34 -0.87 15.05
CA THR A 82 -11.42 0.05 15.71
C THR A 82 -10.67 -0.65 16.85
N GLY A 83 -11.40 -1.35 17.72
CA GLY A 83 -10.75 -2.09 18.78
C GLY A 83 -9.85 -3.21 18.29
N LEU A 84 -10.24 -3.86 17.19
CA LEU A 84 -9.42 -4.95 16.66
C LEU A 84 -8.15 -4.41 16.01
N ALA A 85 -8.27 -3.28 15.29
CA ALA A 85 -7.08 -2.65 14.75
C ALA A 85 -6.10 -2.25 15.86
N GLN A 86 -6.64 -1.75 16.98
CA GLN A 86 -5.79 -1.33 18.07
C GLN A 86 -5.12 -2.52 18.73
N ALA A 87 -5.86 -3.62 18.90
CA ALA A 87 -5.26 -4.86 19.39
C ALA A 87 -4.20 -5.37 18.42
N ALA A 88 -4.45 -5.24 17.11
CA ALA A 88 -3.49 -5.71 16.12
C ALA A 88 -2.24 -4.84 16.12
N ILE A 89 -2.40 -3.53 16.28
CA ILE A 89 -1.24 -2.65 16.39
C ILE A 89 -0.49 -2.93 17.70
N ASN A 90 -1.22 -3.19 18.78
CA ASN A 90 -0.56 -3.54 20.04
C ASN A 90 0.21 -4.83 19.91
N GLY A 91 -0.35 -5.81 19.21
CA GLY A 91 0.40 -7.03 18.93
C GLY A 91 1.61 -6.76 18.05
N LEU A 92 1.44 -5.91 17.03
CA LEU A 92 2.58 -5.55 16.20
C LEU A 92 3.71 -4.93 17.02
N ASN A 93 3.36 -4.00 17.92
CA ASN A 93 4.40 -3.36 18.73
C ASN A 93 5.01 -4.34 19.72
N ALA A 94 4.17 -5.17 20.36
CA ALA A 94 4.66 -5.99 21.46
C ALA A 94 5.65 -7.04 20.99
N ARG A 95 5.52 -7.49 19.74
CA ARG A 95 6.37 -8.56 19.23
C ARG A 95 7.44 -8.07 18.27
N PHE A 96 7.22 -6.94 17.58
CA PHE A 96 8.10 -6.54 16.48
C PHE A 96 8.67 -5.13 16.57
N TYR A 97 8.19 -4.27 17.47
CA TYR A 97 8.72 -2.92 17.53
C TYR A 97 10.03 -2.89 18.30
N GLU A 98 11.05 -2.23 17.72
CA GLU A 98 12.35 -2.09 18.36
C GLU A 98 12.52 -0.64 18.83
N SER A 99 12.36 -0.41 20.13
CA SER A 99 12.44 0.94 20.68
C SER A 99 13.80 1.58 20.41
N SER A 100 14.89 0.83 20.60
CA SER A 100 16.22 1.38 20.41
C SER A 100 16.52 1.70 18.96
N ASN A 101 15.73 1.20 18.01
CA ASN A 101 15.96 1.46 16.60
C ASN A 101 14.87 2.30 15.94
N ALA A 102 13.80 2.63 16.66
CA ALA A 102 12.62 3.31 16.10
C ALA A 102 12.20 2.66 14.78
N ARG A 103 11.96 1.36 14.85
CA ARG A 103 11.63 0.59 13.67
C ARG A 103 10.97 -0.71 14.12
N TRP A 104 10.24 -1.33 13.20
CA TRP A 104 9.71 -2.67 13.42
C TRP A 104 10.60 -3.65 12.68
N SER A 105 11.07 -4.68 13.39
CA SER A 105 11.75 -5.82 12.80
C SER A 105 12.86 -5.42 11.83
N SER A 106 14.06 -5.21 12.34
CA SER A 106 15.18 -4.88 11.46
C SER A 106 15.64 -6.07 10.63
N ASP A 107 15.19 -7.27 10.96
CA ASP A 107 15.44 -8.47 10.16
C ASP A 107 14.46 -8.63 9.02
N GLU A 108 13.61 -7.64 8.78
CA GLU A 108 12.63 -7.64 7.71
C GLU A 108 12.85 -6.42 6.83
N PRO A 109 12.36 -6.42 5.60
CA PRO A 109 12.59 -5.29 4.69
C PRO A 109 12.17 -3.96 5.30
N TRP A 110 13.02 -2.96 5.12
CA TRP A 110 12.77 -1.62 5.64
C TRP A 110 11.49 -1.02 5.07
N TRP A 111 11.21 -1.26 3.79
CA TRP A 111 10.01 -0.67 3.21
C TRP A 111 8.74 -1.17 3.89
N ILE A 112 8.80 -2.33 4.55
CA ILE A 112 7.59 -2.82 5.19
C ILE A 112 7.39 -2.11 6.52
N SER A 113 8.46 -1.60 7.14
CA SER A 113 8.28 -0.66 8.24
C SER A 113 7.54 0.59 7.78
N GLY A 114 7.81 1.03 6.55
CA GLY A 114 7.04 2.12 5.98
C GLY A 114 5.57 1.80 5.83
N VAL A 115 5.26 0.58 5.35
CA VAL A 115 3.87 0.17 5.23
C VAL A 115 3.21 0.13 6.61
N ALA A 116 3.89 -0.49 7.59
CA ALA A 116 3.38 -0.50 8.96
C ALA A 116 3.11 0.90 9.47
N LEU A 117 4.00 1.86 9.15
CA LEU A 117 3.77 3.24 9.57
C LEU A 117 2.50 3.79 8.94
N THR A 118 2.25 3.46 7.67
CA THR A 118 1.01 3.86 7.02
C THR A 118 -0.20 3.30 7.73
N MET A 119 -0.17 2.01 8.10
CA MET A 119 -1.33 1.40 8.75
C MET A 119 -1.62 2.06 10.08
N VAL A 120 -0.56 2.38 10.83
CA VAL A 120 -0.74 3.03 12.14
C VAL A 120 -1.23 4.46 11.98
N ILE A 121 -0.68 5.19 11.01
CA ILE A 121 -1.17 6.54 10.71
C ILE A 121 -2.63 6.48 10.27
N GLU A 122 -2.96 5.50 9.42
CA GLU A 122 -4.32 5.42 8.91
C GLU A 122 -5.31 5.01 10.01
N TYR A 123 -4.89 4.15 10.93
CA TYR A 123 -5.73 3.87 12.08
C TYR A 123 -6.08 5.14 12.84
N MET A 124 -5.07 5.96 13.15
CA MET A 124 -5.34 7.20 13.86
C MET A 124 -6.20 8.14 13.04
N ARG A 125 -5.93 8.22 11.74
CA ARG A 125 -6.70 9.13 10.89
C ARG A 125 -8.17 8.73 10.84
N ARG A 126 -8.46 7.43 10.72
CA ARG A 126 -9.84 6.99 10.56
C ARG A 126 -10.58 6.88 11.88
N SER A 127 -9.87 6.50 12.94
CA SER A 127 -10.50 6.33 14.25
C SER A 127 -10.56 7.62 15.04
N GLY A 128 -9.80 8.65 14.65
CA GLY A 128 -9.74 9.88 15.41
C GLY A 128 -8.87 9.82 16.63
N SER A 129 -8.15 8.72 16.85
CA SER A 129 -7.29 8.54 18.00
C SER A 129 -5.88 9.07 17.72
N LYS A 130 -5.12 9.30 18.81
CA LYS A 130 -3.74 9.76 18.67
C LYS A 130 -2.76 8.97 19.55
N GLU A 131 -3.11 7.74 19.94
CA GLU A 131 -2.34 7.03 20.97
C GLU A 131 -0.95 6.63 20.48
N TYR A 132 -0.74 6.50 19.17
CA TYR A 132 0.55 6.11 18.63
C TYR A 132 1.29 7.27 18.00
N LEU A 133 0.79 8.50 18.17
CA LEU A 133 1.38 9.63 17.48
C LEU A 133 2.83 9.84 17.92
N ASP A 134 3.10 9.71 19.22
CA ASP A 134 4.47 9.85 19.70
C ASP A 134 5.38 8.79 19.10
N GLN A 135 4.90 7.55 19.03
CA GLN A 135 5.72 6.50 18.44
C GLN A 135 5.97 6.75 16.96
N VAL A 136 4.94 7.20 16.22
CA VAL A 136 5.11 7.44 14.79
C VAL A 136 6.13 8.54 14.55
N GLU A 137 6.09 9.59 15.36
CA GLU A 137 7.06 10.67 15.21
C GLU A 137 8.48 10.19 15.45
N ASP A 138 8.68 9.36 16.47
CA ASP A 138 9.99 8.75 16.71
C ASP A 138 10.47 7.99 15.48
N VAL A 139 9.61 7.12 14.92
CA VAL A 139 10.01 6.32 13.77
C VAL A 139 10.41 7.24 12.62
N ILE A 140 9.59 8.26 12.34
CA ILE A 140 9.89 9.17 11.24
C ILE A 140 11.24 9.86 11.46
N GLU A 141 11.48 10.36 12.68
CA GLU A 141 12.70 11.13 12.92
C GLU A 141 13.96 10.30 12.72
N VAL A 142 13.91 9.01 13.09
CA VAL A 142 15.08 8.16 12.91
C VAL A 142 15.16 7.62 11.49
N GLN A 143 14.05 7.20 10.89
CA GLN A 143 14.11 6.66 9.54
C GLN A 143 14.30 7.75 8.48
N ARG A 144 14.14 9.03 8.85
CA ARG A 144 14.50 10.17 8.00
C ARG A 144 15.98 10.20 7.64
N GLN A 145 16.82 9.74 8.56
CA GLN A 145 18.25 9.95 8.44
C GLN A 145 18.80 9.22 7.23
N PRO A 146 19.94 9.67 6.70
CA PRO A 146 20.57 8.98 5.57
C PRO A 146 20.73 7.49 5.83
N LEU A 147 20.18 6.66 4.93
CA LEU A 147 20.23 5.22 5.13
C LEU A 147 21.65 4.72 5.02
N SER A 148 22.04 3.86 5.95
CA SER A 148 23.40 3.34 5.95
C SER A 148 23.71 2.58 4.67
N TRP A 149 22.70 1.99 4.02
CA TRP A 149 22.91 1.25 2.78
C TRP A 149 22.70 2.10 1.53
N TRP A 150 22.31 3.37 1.68
CA TRP A 150 22.20 4.28 0.53
C TRP A 150 22.44 5.72 1.00
N PRO A 151 23.66 6.02 1.45
CA PRO A 151 23.95 7.39 1.90
C PRO A 151 23.74 8.44 0.82
N SER A 152 23.97 8.11 -0.46
CA SER A 152 23.82 9.11 -1.53
C SER A 152 22.39 9.61 -1.67
N GLY A 153 21.41 8.88 -1.12
CA GLY A 153 20.06 9.40 -1.10
C GLY A 153 19.90 10.62 -0.21
N GLU A 154 20.83 10.83 0.72
CA GLU A 154 20.80 11.97 1.63
C GLU A 154 19.52 11.99 2.47
N GLY A 155 19.08 10.81 2.91
CA GLY A 155 17.95 10.70 3.82
C GLY A 155 16.63 11.12 3.21
N GLU A 156 15.72 11.52 4.12
CA GLU A 156 14.34 11.85 3.75
C GLU A 156 13.68 10.72 2.97
N PHE A 157 14.05 9.49 3.33
CA PHE A 157 13.53 8.24 2.77
C PHE A 157 13.94 8.00 1.32
N ARG A 158 14.92 8.72 0.81
CA ARG A 158 15.37 8.51 -0.56
C ARG A 158 16.35 7.35 -0.56
N ALA A 159 15.92 6.21 -1.09
CA ALA A 159 16.58 4.93 -0.91
C ALA A 159 17.17 4.41 -2.22
N ASP A 160 17.67 3.18 -2.20
CA ASP A 160 18.32 2.60 -3.36
C ASP A 160 17.35 1.97 -4.35
N ALA A 161 16.06 1.93 -4.04
CA ALA A 161 15.03 1.55 -4.99
C ALA A 161 13.92 2.58 -4.92
N THR A 162 13.27 2.81 -6.07
CA THR A 162 12.24 3.85 -6.10
C THR A 162 10.98 3.42 -5.36
N ASP A 163 10.68 2.12 -5.30
CA ASP A 163 9.46 1.73 -4.60
C ASP A 163 9.63 1.85 -3.09
N ASP A 164 10.79 1.47 -2.55
CA ASP A 164 11.10 1.72 -1.14
C ASP A 164 10.82 3.17 -0.77
N THR A 165 11.39 4.10 -1.53
CA THR A 165 11.12 5.52 -1.31
C THR A 165 9.63 5.79 -1.41
N GLY A 166 8.95 5.17 -2.37
CA GLY A 166 7.55 5.50 -2.60
C GLY A 166 6.65 5.11 -1.44
N TRP A 167 6.97 4.01 -0.76
CA TRP A 167 6.16 3.60 0.39
C TRP A 167 6.24 4.64 1.50
N TRP A 168 7.45 5.06 1.86
CA TRP A 168 7.55 6.09 2.90
C TRP A 168 6.97 7.42 2.43
N ALA A 169 7.18 7.77 1.16
CA ALA A 169 6.61 9.02 0.64
C ALA A 169 5.11 9.06 0.81
N LEU A 170 4.43 7.94 0.54
CA LEU A 170 2.98 7.90 0.70
C LEU A 170 2.58 7.91 2.17
N ALA A 171 3.39 7.30 3.04
CA ALA A 171 3.14 7.41 4.47
C ALA A 171 3.26 8.85 4.93
N MET A 172 4.14 9.64 4.30
CA MET A 172 4.26 11.04 4.70
C MET A 172 3.07 11.85 4.20
N VAL A 173 2.51 11.50 3.05
CA VAL A 173 1.25 12.11 2.61
C VAL A 173 0.19 11.88 3.68
N ARG A 174 0.07 10.64 4.17
CA ARG A 174 -0.94 10.35 5.19
C ARG A 174 -0.63 11.05 6.50
N MET A 175 0.64 11.10 6.89
CA MET A 175 1.04 11.87 8.07
C MET A 175 0.63 13.32 7.93
N TYR A 176 0.81 13.90 6.75
CA TYR A 176 0.38 15.27 6.51
C TYR A 176 -1.15 15.39 6.62
N ASP A 177 -1.86 14.38 6.12
CA ASP A 177 -3.33 14.38 6.22
C ASP A 177 -3.76 14.31 7.68
N LEU A 178 -3.03 13.54 8.50
CA LEU A 178 -3.40 13.38 9.90
C LEU A 178 -3.05 14.62 10.72
N THR A 179 -1.89 15.22 10.46
CA THR A 179 -1.37 16.28 11.32
C THR A 179 -1.47 17.68 10.72
N GLY A 180 -1.52 17.81 9.40
CA GLY A 180 -1.44 19.15 8.84
C GLY A 180 -0.07 19.80 8.96
N ASN A 181 0.94 19.05 9.40
CA ASN A 181 2.29 19.56 9.50
C ASN A 181 2.95 19.56 8.13
N GLU A 182 3.22 20.77 7.62
CA GLU A 182 3.87 20.96 6.33
C GLU A 182 5.18 20.17 6.20
N ASP A 183 5.88 19.93 7.31
CA ASP A 183 7.13 19.18 7.28
C ASP A 183 6.95 17.86 6.52
N TYR A 184 5.89 17.12 6.82
CA TYR A 184 5.69 15.81 6.16
C TYR A 184 5.35 15.97 4.69
N LEU A 185 4.54 16.97 4.34
CA LEU A 185 4.29 17.24 2.94
C LEU A 185 5.59 17.52 2.19
N ASN A 186 6.52 18.23 2.85
CA ASN A 186 7.80 18.55 2.22
C ASN A 186 8.62 17.30 1.91
N ILE A 187 8.56 16.30 2.81
CA ILE A 187 9.26 15.05 2.54
C ILE A 187 8.74 14.41 1.26
N SER A 188 7.41 14.26 1.17
CA SER A 188 6.82 13.68 -0.03
C SER A 188 7.21 14.42 -1.29
N ILE A 189 7.35 15.74 -1.20
CA ILE A 189 7.76 16.54 -2.35
C ILE A 189 9.19 16.21 -2.74
N LYS A 190 10.10 16.13 -1.76
CA LYS A 190 11.47 15.73 -2.06
C LYS A 190 11.50 14.32 -2.64
N ASP A 191 10.64 13.44 -2.15
CA ASP A 191 10.60 12.07 -2.62
C ASP A 191 10.15 12.01 -4.08
N GLU A 192 9.07 12.71 -4.42
CA GLU A 192 8.62 12.78 -5.81
C GLU A 192 9.77 13.19 -6.73
N ALA A 193 10.50 14.23 -6.35
CA ALA A 193 11.57 14.74 -7.21
C ALA A 193 12.70 13.74 -7.33
N TYR A 194 12.99 13.02 -6.24
CA TYR A 194 14.01 11.99 -6.26
C TYR A 194 13.59 10.82 -7.14
N MET A 195 12.37 10.33 -6.96
CA MET A 195 11.89 9.21 -7.77
C MET A 195 11.89 9.54 -9.26
N ARG A 196 11.49 10.77 -9.60
CA ARG A 196 11.37 11.17 -11.00
C ARG A 196 12.70 11.14 -11.73
N GLN A 197 13.81 11.18 -11.00
CA GLN A 197 15.12 11.07 -11.63
C GLN A 197 15.23 9.83 -12.51
N TRP A 198 14.53 8.75 -12.14
CA TRP A 198 14.64 7.50 -12.86
C TRP A 198 13.42 7.21 -13.72
N TRP A 199 12.61 8.22 -14.00
CA TRP A 199 11.64 8.16 -15.08
C TRP A 199 12.38 8.38 -16.39
N THR A 200 12.23 7.46 -17.35
CA THR A 200 12.81 7.67 -18.67
C THR A 200 11.74 7.50 -19.73
N ASP A 201 11.81 8.33 -20.76
CA ASP A 201 10.95 8.18 -21.93
C ASP A 201 11.62 7.42 -23.05
N THR A 202 12.93 7.17 -22.94
CA THR A 202 13.66 6.48 -23.99
C THR A 202 13.33 4.98 -24.02
N GLU A 203 13.04 4.38 -22.87
CA GLU A 203 12.64 2.97 -22.82
C GLU A 203 11.19 2.89 -22.40
N CYS A 204 10.41 2.08 -23.11
CA CYS A 204 9.00 1.86 -22.83
C CYS A 204 8.17 3.12 -22.99
N GLY A 205 8.70 4.14 -23.66
CA GLY A 205 7.99 5.41 -23.81
C GLY A 205 7.60 6.09 -22.51
N GLY A 206 8.17 5.70 -21.38
CA GLY A 206 7.81 6.30 -20.11
C GLY A 206 8.06 5.34 -18.96
N GLY A 207 7.54 5.69 -17.80
CA GLY A 207 7.69 4.90 -16.61
C GLY A 207 9.05 5.03 -15.97
N LEU A 208 9.14 4.68 -14.69
CA LEU A 208 10.41 4.71 -13.99
C LEU A 208 10.87 3.31 -13.64
N TYR A 209 12.19 3.21 -13.43
CA TYR A 209 12.82 1.98 -12.96
C TYR A 209 12.65 1.84 -11.45
N VAL A 210 12.65 0.59 -11.01
CA VAL A 210 12.62 0.29 -9.58
C VAL A 210 14.03 0.15 -9.02
N ASP A 211 14.94 -0.49 -9.77
CA ASP A 211 16.29 -0.78 -9.28
C ASP A 211 17.21 0.36 -9.71
N ILE A 212 17.41 1.32 -8.80
CA ILE A 212 18.13 2.55 -9.13
C ILE A 212 19.56 2.23 -9.56
N GLN A 213 20.19 1.27 -8.90
CA GLN A 213 21.59 0.97 -9.23
C GLN A 213 21.72 0.28 -10.58
N ASP A 214 20.72 -0.48 -11.00
CA ASP A 214 20.83 -1.32 -12.19
C ASP A 214 20.05 -0.84 -13.39
N LEU A 215 18.82 -0.33 -13.18
CA LEU A 215 17.99 0.20 -14.26
C LEU A 215 17.66 -0.87 -15.29
N THR A 216 17.19 -2.02 -14.80
CA THR A 216 16.83 -3.14 -15.66
C THR A 216 15.35 -3.49 -15.62
N TYR A 217 14.57 -2.89 -14.72
CA TYR A 217 13.19 -3.29 -14.50
C TYR A 217 12.30 -2.09 -14.25
N LYS A 218 11.34 -1.86 -15.15
CA LYS A 218 10.19 -1.02 -14.88
C LYS A 218 9.05 -1.95 -14.50
N ASN A 219 8.60 -1.89 -13.24
CA ASN A 219 7.61 -2.80 -12.72
C ASN A 219 6.33 -2.04 -12.39
N ALA A 220 5.33 -2.79 -11.92
CA ALA A 220 4.02 -2.17 -11.66
C ALA A 220 4.08 -1.33 -10.39
N ILE A 221 4.65 -1.87 -9.31
CA ILE A 221 4.45 -1.26 -8.00
C ILE A 221 5.17 0.06 -7.90
N ALA A 222 6.40 0.17 -8.43
CA ALA A 222 7.11 1.44 -8.35
C ALA A 222 6.38 2.52 -9.14
N ASN A 223 5.74 2.14 -10.25
CA ASN A 223 5.02 3.14 -11.04
C ASN A 223 3.65 3.45 -10.44
N GLU A 224 3.03 2.48 -9.77
CA GLU A 224 1.79 2.76 -9.05
C GLU A 224 2.05 3.66 -7.86
N LEU A 225 3.16 3.44 -7.14
CA LEU A 225 3.48 4.30 -6.01
C LEU A 225 3.75 5.72 -6.49
N TYR A 226 4.60 5.87 -7.51
CA TYR A 226 4.87 7.19 -8.07
C TYR A 226 3.58 7.87 -8.52
N LEU A 227 2.71 7.13 -9.21
CA LEU A 227 1.47 7.73 -9.70
C LEU A 227 0.58 8.19 -8.55
N LYS A 228 0.44 7.38 -7.51
CA LYS A 228 -0.34 7.81 -6.36
C LYS A 228 0.33 9.00 -5.67
N LEU A 229 1.66 9.04 -5.67
CA LEU A 229 2.36 10.16 -5.07
C LEU A 229 2.09 11.46 -5.81
N VAL A 230 2.29 11.49 -7.13
CA VAL A 230 2.02 12.74 -7.85
C VAL A 230 0.54 13.07 -7.81
N ALA A 231 -0.35 12.08 -7.83
CA ALA A 231 -1.78 12.39 -7.76
C ALA A 231 -2.13 12.97 -6.39
N SER A 232 -1.51 12.45 -5.32
CA SER A 232 -1.70 13.01 -4.00
C SER A 232 -1.20 14.45 -3.93
N LEU A 233 0.04 14.69 -4.39
CA LEU A 233 0.61 16.04 -4.38
C LEU A 233 -0.22 17.00 -5.22
N ALA A 234 -0.91 16.49 -6.25
CA ALA A 234 -1.79 17.33 -7.05
C ALA A 234 -2.96 17.89 -6.24
N ASN A 235 -3.30 17.22 -5.13
CA ASN A 235 -4.36 17.69 -4.25
C ASN A 235 -3.85 18.45 -3.04
N ARG A 236 -2.54 18.49 -2.81
CA ARG A 236 -2.01 19.04 -1.57
C ARG A 236 -0.88 20.05 -1.73
N ALA A 237 -0.03 19.87 -2.76
CA ALA A 237 1.16 20.68 -2.89
C ALA A 237 0.83 22.06 -3.48
N PRO A 238 1.67 23.07 -3.22
CA PRO A 238 1.40 24.41 -3.78
C PRO A 238 1.43 24.47 -5.29
N ASN A 239 2.46 23.89 -5.92
CA ASN A 239 2.53 23.84 -7.39
C ASN A 239 1.75 22.64 -7.90
N ALA A 240 0.48 22.58 -7.51
CA ALA A 240 -0.35 21.42 -7.79
C ALA A 240 -0.50 21.15 -9.28
N THR A 241 -0.28 22.16 -10.13
CA THR A 241 -0.50 21.97 -11.56
C THR A 241 0.52 21.02 -12.17
N ILE A 242 1.81 21.22 -11.87
CA ILE A 242 2.81 20.33 -12.44
C ILE A 242 2.65 18.92 -11.90
N TYR A 243 2.11 18.76 -10.69
CA TYR A 243 1.87 17.43 -10.18
C TYR A 243 0.68 16.77 -10.85
N LEU A 244 -0.36 17.54 -11.15
CA LEU A 244 -1.52 16.98 -11.82
C LEU A 244 -1.16 16.57 -13.24
N ASP A 245 -0.37 17.39 -13.94
CA ASP A 245 0.10 17.02 -15.28
C ASP A 245 0.97 15.77 -15.23
N ARG A 246 1.83 15.66 -14.22
CA ARG A 246 2.65 14.46 -14.09
C ARG A 246 1.77 13.23 -13.85
N ALA A 247 0.76 13.37 -13.00
CA ALA A 247 -0.15 12.26 -12.71
C ALA A 247 -0.92 11.83 -13.95
N GLN A 248 -1.51 12.81 -14.66
CA GLN A 248 -2.23 12.49 -15.88
C GLN A 248 -1.31 11.84 -16.91
N GLN A 249 -0.07 12.31 -17.02
CA GLN A 249 0.89 11.71 -17.94
C GLN A 249 1.28 10.32 -17.48
N ALA A 250 1.47 10.13 -16.16
CA ALA A 250 1.87 8.82 -15.67
C ALA A 250 0.75 7.80 -15.84
N TRP A 251 -0.49 8.19 -15.59
CA TRP A 251 -1.61 7.27 -15.78
C TRP A 251 -1.79 6.93 -17.26
N THR A 252 -1.59 7.91 -18.14
CA THR A 252 -1.66 7.61 -19.57
C THR A 252 -0.60 6.61 -19.97
N TRP A 253 0.62 6.76 -19.44
CA TRP A 253 1.66 5.77 -19.74
C TRP A 253 1.29 4.40 -19.19
N PHE A 254 0.87 4.33 -17.92
CA PHE A 254 0.52 3.06 -17.29
C PHE A 254 -0.61 2.36 -18.06
N LEU A 255 -1.67 3.10 -18.37
CA LEU A 255 -2.79 2.54 -19.13
C LEU A 255 -2.32 2.00 -20.47
N GLY A 256 -1.43 2.72 -21.14
CA GLY A 256 -0.88 2.25 -22.38
C GLY A 256 0.25 1.25 -22.25
N SER A 257 0.74 0.96 -21.04
CA SER A 257 1.90 0.09 -20.94
C SER A 257 1.59 -1.34 -21.35
N GLY A 258 0.35 -1.78 -21.17
CA GLY A 258 -0.02 -3.17 -21.33
C GLY A 258 -0.03 -3.95 -20.04
N MET A 259 0.48 -3.37 -18.95
CA MET A 259 0.54 -4.07 -17.68
C MET A 259 -0.86 -4.43 -17.17
N ILE A 260 -1.87 -3.64 -17.52
CA ILE A 260 -3.25 -4.01 -17.23
C ILE A 260 -3.71 -4.98 -18.31
N ASN A 261 -4.01 -6.22 -17.91
CA ASN A 261 -4.19 -7.31 -18.86
C ASN A 261 -5.66 -7.38 -19.28
N GLY A 262 -6.07 -8.52 -19.88
CA GLY A 262 -7.38 -8.63 -20.49
C GLY A 262 -8.52 -8.81 -19.52
N VAL A 263 -8.25 -9.13 -18.27
CA VAL A 263 -9.28 -9.22 -17.24
C VAL A 263 -9.20 -8.02 -16.28
N ASN A 264 -8.48 -6.96 -16.66
CA ASN A 264 -8.37 -5.73 -15.88
C ASN A 264 -7.61 -5.95 -14.57
N LEU A 265 -6.66 -6.88 -14.59
CA LEU A 265 -5.72 -7.08 -13.50
C LEU A 265 -4.33 -6.70 -14.00
N ILE A 266 -3.45 -6.41 -13.05
CA ILE A 266 -2.15 -5.81 -13.35
C ILE A 266 -1.06 -6.85 -13.05
N ASN A 267 -0.33 -7.25 -14.10
CA ASN A 267 0.81 -8.15 -13.94
C ASN A 267 1.99 -7.39 -13.33
N ASP A 268 3.07 -8.11 -13.07
CA ASP A 268 4.11 -7.55 -12.21
C ASP A 268 4.89 -6.41 -12.86
N GLY A 269 5.18 -6.51 -14.14
CA GLY A 269 5.97 -5.46 -14.75
C GLY A 269 6.11 -5.65 -16.24
N LEU A 270 7.14 -4.99 -16.78
CA LEU A 270 7.37 -4.95 -18.21
C LEU A 270 8.66 -5.68 -18.55
N ALA A 271 8.62 -6.44 -19.64
CA ALA A 271 9.80 -6.97 -20.30
C ALA A 271 10.12 -6.12 -21.52
N ARG A 272 11.36 -6.24 -21.99
CA ARG A 272 11.81 -5.47 -23.15
C ARG A 272 12.23 -6.41 -24.27
N ASP A 273 11.80 -6.07 -25.48
CA ASP A 273 12.13 -6.89 -26.65
C ASP A 273 13.62 -6.81 -26.94
N SER A 274 14.24 -7.98 -27.13
CA SER A 274 15.69 -8.04 -27.31
C SER A 274 16.13 -7.31 -28.57
N ASN A 275 15.32 -7.33 -29.62
CA ASN A 275 15.68 -6.71 -30.88
C ASN A 275 15.08 -5.34 -31.06
N THR A 276 13.77 -5.19 -30.82
CA THR A 276 13.08 -3.95 -31.14
C THR A 276 13.14 -2.93 -30.02
N GLY A 277 13.46 -3.34 -28.78
CA GLY A 277 13.45 -2.43 -27.67
C GLY A 277 12.08 -2.07 -27.13
N SER A 278 11.00 -2.47 -27.82
CA SER A 278 9.67 -2.23 -27.31
C SER A 278 9.38 -3.11 -26.10
N CYS A 279 8.50 -2.62 -25.23
CA CYS A 279 8.19 -3.27 -23.96
C CYS A 279 6.81 -3.92 -24.02
N TYR A 280 6.61 -4.91 -23.14
CA TYR A 280 5.36 -5.66 -23.11
C TYR A 280 5.19 -6.29 -21.73
N ASN A 281 3.92 -6.49 -21.33
CA ASN A 281 3.54 -7.18 -20.11
C ASN A 281 4.37 -8.45 -19.90
N ASN A 282 5.07 -8.54 -18.78
CA ASN A 282 5.96 -9.69 -18.63
C ASN A 282 5.23 -10.95 -18.17
N ARG A 283 3.91 -10.88 -17.93
CA ARG A 283 3.07 -12.01 -17.52
C ARG A 283 3.55 -12.66 -16.22
N LEU A 284 4.35 -11.93 -15.43
CA LEU A 284 4.68 -12.34 -14.07
C LEU A 284 3.42 -12.26 -13.20
N PRO A 285 3.47 -12.79 -11.97
CA PRO A 285 2.22 -12.98 -11.21
C PRO A 285 1.44 -11.70 -10.98
N VAL A 286 0.13 -11.89 -10.78
CA VAL A 286 -0.79 -10.84 -10.36
C VAL A 286 -0.78 -10.80 -8.84
N TRP A 287 -0.16 -9.76 -8.28
CA TRP A 287 -0.06 -9.60 -6.84
C TRP A 287 -1.12 -8.63 -6.36
N THR A 288 -1.67 -8.89 -5.16
CA THR A 288 -2.79 -8.08 -4.69
C THR A 288 -2.41 -6.62 -4.52
N TYR A 289 -1.20 -6.35 -4.04
CA TYR A 289 -0.89 -4.94 -3.81
C TYR A 289 -0.76 -4.16 -5.11
N ASN A 290 -0.57 -4.84 -6.25
CA ASN A 290 -0.56 -4.15 -7.53
C ASN A 290 -1.94 -3.90 -8.08
N GLN A 291 -2.97 -4.47 -7.47
CA GLN A 291 -4.34 -4.09 -7.75
C GLN A 291 -4.86 -3.07 -6.74
N GLY A 292 -4.00 -2.63 -5.83
CA GLY A 292 -4.44 -1.79 -4.73
C GLY A 292 -3.94 -0.37 -4.85
N VAL A 293 -2.61 -0.19 -4.85
CA VAL A 293 -2.02 1.15 -4.92
C VAL A 293 -2.63 1.94 -6.08
N ILE A 294 -2.88 1.26 -7.21
CA ILE A 294 -3.45 1.94 -8.37
C ILE A 294 -4.85 2.47 -8.07
N LEU A 295 -5.59 1.82 -7.17
CA LEU A 295 -6.91 2.33 -6.82
C LEU A 295 -6.80 3.66 -6.10
N GLY A 296 -5.93 3.73 -5.08
CA GLY A 296 -5.70 4.98 -4.38
C GLY A 296 -5.24 6.07 -5.33
N ALA A 297 -4.37 5.73 -6.27
CA ALA A 297 -3.91 6.69 -7.26
C ALA A 297 -5.08 7.26 -8.06
N LEU A 298 -5.92 6.39 -8.61
CA LEU A 298 -7.08 6.84 -9.38
C LEU A 298 -8.05 7.66 -8.52
N VAL A 299 -8.21 7.28 -7.25
CA VAL A 299 -9.07 8.04 -6.36
C VAL A 299 -8.54 9.47 -6.20
N GLU A 300 -7.23 9.61 -6.03
CA GLU A 300 -6.65 10.96 -5.91
C GLU A 300 -6.76 11.71 -7.23
N LEU A 301 -6.62 11.02 -8.35
CA LEU A 301 -6.80 11.66 -9.65
C LEU A 301 -8.25 12.12 -9.83
N TYR A 302 -9.20 11.37 -9.28
CA TYR A 302 -10.59 11.81 -9.31
C TYR A 302 -10.79 13.05 -8.45
N HIS A 303 -10.22 13.05 -7.24
CA HIS A 303 -10.35 14.24 -6.39
C HIS A 303 -9.71 15.46 -7.05
N ALA A 304 -8.66 15.24 -7.85
CA ALA A 304 -7.97 16.36 -8.49
C ALA A 304 -8.71 16.90 -9.71
N THR A 305 -9.54 16.08 -10.35
CA THR A 305 -10.21 16.48 -11.57
C THR A 305 -11.73 16.44 -11.50
N LYS A 306 -12.31 15.76 -10.52
CA LYS A 306 -13.75 15.53 -10.41
C LYS A 306 -14.28 14.76 -11.62
N ASP A 307 -13.40 14.05 -12.32
CA ASP A 307 -13.78 13.22 -13.46
C ASP A 307 -14.03 11.80 -12.96
N GLU A 308 -15.30 11.39 -12.97
CA GLU A 308 -15.67 10.05 -12.50
C GLU A 308 -15.07 8.94 -13.36
N SER A 309 -14.50 9.26 -14.52
CA SER A 309 -13.86 8.23 -15.34
C SER A 309 -12.72 7.55 -14.59
N TYR A 310 -12.05 8.28 -13.69
CA TYR A 310 -11.00 7.66 -12.89
C TYR A 310 -11.59 6.67 -11.90
N LEU A 311 -12.76 6.99 -11.33
CA LEU A 311 -13.42 6.06 -10.42
C LEU A 311 -13.89 4.82 -11.16
N LEU A 312 -14.44 5.00 -12.35
CA LEU A 312 -14.90 3.85 -13.12
C LEU A 312 -13.75 2.95 -13.50
N SER A 313 -12.58 3.52 -13.80
CA SER A 313 -11.41 2.70 -14.11
C SER A 313 -10.93 1.94 -12.87
N ALA A 314 -10.91 2.61 -11.72
CA ALA A 314 -10.55 1.92 -10.48
C ALA A 314 -11.55 0.80 -10.18
N GLN A 315 -12.84 1.05 -10.42
CA GLN A 315 -13.86 0.06 -10.11
C GLN A 315 -13.71 -1.18 -10.98
N ALA A 316 -13.30 -1.00 -12.24
CA ALA A 316 -13.08 -2.16 -13.10
C ALA A 316 -11.96 -3.04 -12.57
N ILE A 317 -10.93 -2.44 -11.99
CA ILE A 317 -9.82 -3.21 -11.44
C ILE A 317 -10.24 -3.91 -10.15
N ALA A 318 -10.90 -3.18 -9.26
CA ALA A 318 -11.36 -3.78 -8.01
C ALA A 318 -12.38 -4.89 -8.26
N ASP A 319 -13.31 -4.66 -9.20
CA ASP A 319 -14.29 -5.69 -9.52
C ASP A 319 -13.62 -6.97 -9.98
N ALA A 320 -12.54 -6.86 -10.75
CA ALA A 320 -11.82 -8.04 -11.21
C ALA A 320 -11.21 -8.81 -10.05
N VAL A 321 -10.71 -8.10 -9.04
CA VAL A 321 -10.19 -8.74 -7.83
C VAL A 321 -11.30 -9.47 -7.08
N LEU A 322 -12.47 -8.85 -6.99
CA LEU A 322 -13.55 -9.43 -6.19
C LEU A 322 -14.19 -10.63 -6.88
N SER A 323 -14.06 -10.73 -8.19
CA SER A 323 -14.68 -11.81 -8.94
C SER A 323 -13.91 -13.10 -8.73
N PRO A 324 -14.53 -14.13 -8.15
CA PRO A 324 -13.79 -15.37 -7.85
C PRO A 324 -13.21 -16.04 -9.09
N SER A 325 -13.75 -15.74 -10.27
CA SER A 325 -13.26 -16.31 -11.52
C SER A 325 -11.82 -15.90 -11.84
N ASN A 326 -11.26 -14.92 -11.13
CA ASN A 326 -9.91 -14.48 -11.43
C ASN A 326 -8.87 -15.03 -10.47
N GLY A 327 -9.29 -15.84 -9.49
CA GLY A 327 -8.35 -16.50 -8.60
C GLY A 327 -7.82 -15.68 -7.45
N LEU A 328 -8.14 -14.39 -7.36
CA LEU A 328 -7.70 -13.61 -6.20
C LEU A 328 -8.67 -13.73 -5.04
N THR A 329 -9.94 -14.03 -5.31
CA THR A 329 -10.98 -14.13 -4.28
C THR A 329 -11.47 -15.57 -4.24
N SER A 330 -11.38 -16.19 -3.07
CA SER A 330 -11.73 -17.59 -2.90
C SER A 330 -13.24 -17.78 -3.04
N SER A 331 -13.66 -19.05 -3.11
CA SER A 331 -15.09 -19.35 -3.14
C SER A 331 -15.79 -18.90 -1.87
N SER A 332 -15.06 -18.78 -0.75
CA SER A 332 -15.60 -18.20 0.47
C SER A 332 -15.61 -16.68 0.43
N GLY A 333 -15.15 -16.06 -0.65
CA GLY A 333 -15.14 -14.62 -0.74
C GLY A 333 -13.96 -13.95 -0.08
N VAL A 334 -12.87 -14.67 0.15
CA VAL A 334 -11.74 -14.20 0.95
C VAL A 334 -10.58 -13.87 0.00
N LEU A 335 -9.98 -12.70 0.19
CA LEU A 335 -8.78 -12.34 -0.57
C LEU A 335 -7.66 -13.34 -0.29
N THR A 336 -7.01 -13.80 -1.36
CA THR A 336 -6.03 -14.88 -1.27
C THR A 336 -4.87 -14.56 -2.20
N GLU A 337 -3.66 -14.48 -1.64
CA GLU A 337 -2.48 -14.25 -2.45
C GLU A 337 -2.13 -15.50 -3.23
N THR A 338 -1.65 -15.32 -4.46
CA THR A 338 -1.35 -16.46 -5.34
C THR A 338 -0.35 -17.43 -4.72
N CYS A 339 0.47 -16.99 -3.77
CA CYS A 339 1.47 -17.85 -3.15
C CYS A 339 0.94 -18.59 -1.93
N GLU A 340 -0.27 -18.29 -1.46
CA GLU A 340 -0.79 -18.95 -0.28
C GLU A 340 -1.03 -20.44 -0.55
N GLY A 341 -1.48 -20.78 -1.75
CA GLY A 341 -1.76 -22.16 -2.06
C GLY A 341 -0.56 -23.06 -1.83
N SER A 342 0.62 -22.63 -2.28
CA SER A 342 1.84 -23.43 -2.13
C SER A 342 2.64 -23.06 -0.89
N ASP A 343 2.09 -22.22 -0.02
CA ASP A 343 2.75 -21.83 1.22
C ASP A 343 4.16 -21.32 0.96
N SER A 344 4.28 -20.42 -0.03
CA SER A 344 5.58 -19.93 -0.46
C SER A 344 5.67 -18.41 -0.38
N CYS A 345 4.74 -17.75 0.33
CA CYS A 345 4.74 -16.31 0.40
C CYS A 345 5.95 -15.83 1.19
N ASN A 346 6.79 -15.03 0.55
CA ASN A 346 8.03 -14.58 1.18
C ASN A 346 7.76 -13.32 2.01
N GLN A 347 8.81 -12.74 2.57
CA GLN A 347 8.63 -11.60 3.47
C GLN A 347 7.92 -10.44 2.79
N ASP A 348 8.13 -10.25 1.48
CA ASP A 348 7.43 -9.17 0.80
C ASP A 348 5.96 -9.50 0.61
N GLN A 349 5.68 -10.68 0.05
CA GLN A 349 4.32 -11.06 -0.31
C GLN A 349 3.39 -11.14 0.89
N GLN A 350 3.94 -11.41 2.09
CA GLN A 350 3.12 -11.48 3.30
C GLN A 350 2.36 -10.19 3.59
N VAL A 351 2.82 -9.05 3.07
CA VAL A 351 2.20 -7.76 3.41
C VAL A 351 1.24 -7.29 2.33
N PHE A 352 1.16 -7.99 1.20
CA PHE A 352 0.47 -7.46 0.02
C PHE A 352 -1.02 -7.23 0.28
N LYS A 353 -1.70 -8.18 0.91
CA LYS A 353 -3.17 -8.14 0.97
C LYS A 353 -3.67 -6.89 1.69
N GLY A 354 -3.04 -6.55 2.82
CA GLY A 354 -3.48 -5.38 3.57
C GLY A 354 -3.38 -4.08 2.80
N VAL A 355 -2.35 -3.95 1.96
CA VAL A 355 -2.23 -2.76 1.13
C VAL A 355 -3.41 -2.65 0.18
N PHE A 356 -3.80 -3.77 -0.43
CA PHE A 356 -4.98 -3.74 -1.29
C PHE A 356 -6.23 -3.37 -0.51
N ALA A 357 -6.40 -3.97 0.68
CA ALA A 357 -7.60 -3.71 1.47
C ALA A 357 -7.73 -2.23 1.82
N LEU A 358 -6.62 -1.60 2.22
CA LEU A 358 -6.70 -0.19 2.60
C LEU A 358 -7.06 0.68 1.39
N ASN A 359 -6.46 0.38 0.24
CA ASN A 359 -6.78 1.15 -0.95
C ASN A 359 -8.20 0.88 -1.43
N LEU A 360 -8.70 -0.34 -1.24
CA LEU A 360 -10.06 -0.63 -1.64
C LEU A 360 -11.05 0.18 -0.81
N ALA A 361 -10.77 0.33 0.49
CA ALA A 361 -11.59 1.17 1.36
C ALA A 361 -11.56 2.63 0.89
N GLU A 362 -10.40 3.10 0.43
CA GLU A 362 -10.31 4.43 -0.17
C GLU A 362 -11.24 4.53 -1.37
N LEU A 363 -11.20 3.53 -2.26
CA LEU A 363 -12.10 3.53 -3.42
C LEU A 363 -13.56 3.53 -3.00
N GLY A 364 -13.90 2.68 -2.02
CA GLY A 364 -15.28 2.64 -1.55
C GLY A 364 -15.77 3.98 -1.05
N ASP A 365 -14.93 4.68 -0.26
CA ASP A 365 -15.28 6.01 0.21
C ASP A 365 -15.45 7.00 -0.94
N ALA A 366 -14.56 6.94 -1.93
CA ALA A 366 -14.68 7.85 -3.08
C ALA A 366 -15.94 7.56 -3.89
N VAL A 367 -16.28 6.28 -4.06
CA VAL A 367 -17.45 5.93 -4.85
C VAL A 367 -18.73 6.34 -4.13
N ALA A 368 -18.83 6.07 -2.82
CA ALA A 368 -20.03 6.44 -2.07
C ALA A 368 -20.22 7.94 -1.98
N GLY A 369 -19.16 8.73 -2.11
CA GLY A 369 -19.28 10.16 -2.03
C GLY A 369 -19.55 10.81 -3.37
N ALA A 370 -19.33 10.06 -4.45
CA ALA A 370 -19.52 10.61 -5.79
C ALA A 370 -20.95 10.47 -6.29
N SER A 371 -21.78 9.66 -5.64
CA SER A 371 -23.15 9.46 -6.07
C SER A 371 -24.07 9.48 -4.85
N SER A 372 -25.32 9.84 -5.09
CA SER A 372 -26.33 9.92 -4.04
C SER A 372 -26.94 8.57 -3.70
N ASP A 373 -26.60 7.53 -4.45
CA ASP A 373 -27.11 6.19 -4.16
C ASP A 373 -26.64 5.74 -2.78
N PRO A 374 -27.55 5.40 -1.87
CA PRO A 374 -27.11 4.89 -0.55
C PRO A 374 -26.33 3.59 -0.63
N ASP A 375 -26.51 2.81 -1.70
CA ASP A 375 -25.79 1.56 -1.88
C ASP A 375 -24.51 1.75 -2.70
N ALA A 376 -24.08 2.98 -2.95
CA ALA A 376 -22.87 3.21 -3.72
C ALA A 376 -21.65 2.66 -2.97
N GLY A 377 -20.85 1.87 -3.67
CA GLY A 377 -19.67 1.26 -3.07
C GLY A 377 -19.98 0.20 -2.02
N GLN A 378 -21.23 -0.25 -1.91
CA GLN A 378 -21.59 -1.21 -0.88
C GLN A 378 -20.91 -2.57 -1.10
N ASP A 379 -20.58 -2.91 -2.35
CA ASP A 379 -19.93 -4.20 -2.58
C ASP A 379 -18.53 -4.22 -1.98
N TYR A 380 -17.82 -3.11 -2.06
CA TYR A 380 -16.46 -3.06 -1.52
C TYR A 380 -16.49 -3.14 0.00
N ARG A 381 -17.43 -2.46 0.65
CA ARG A 381 -17.54 -2.54 2.11
C ARG A 381 -17.90 -3.95 2.54
N GLU A 382 -18.86 -4.57 1.87
CA GLU A 382 -19.24 -5.94 2.20
C GLU A 382 -18.05 -6.88 2.02
N TYR A 383 -17.29 -6.70 0.94
CA TYR A 383 -16.09 -7.50 0.72
C TYR A 383 -15.11 -7.35 1.88
N LEU A 384 -14.81 -6.11 2.26
CA LEU A 384 -13.91 -5.86 3.39
C LEU A 384 -14.47 -6.44 4.68
N ASP A 385 -15.76 -6.25 4.91
CA ASP A 385 -16.41 -6.83 6.09
C ASP A 385 -16.29 -8.35 6.08
N THR A 386 -16.67 -8.98 4.96
CA THR A 386 -16.54 -10.43 4.83
C THR A 386 -15.12 -10.88 5.11
N ASN A 387 -14.13 -10.19 4.53
CA ASN A 387 -12.75 -10.61 4.73
C ASN A 387 -12.31 -10.39 6.17
N MET A 388 -12.88 -9.41 6.86
CA MET A 388 -12.49 -9.17 8.25
C MET A 388 -12.94 -10.33 9.15
N GLN A 389 -14.20 -10.76 9.00
CA GLN A 389 -14.71 -11.81 9.87
C GLN A 389 -13.94 -13.11 9.70
N SER A 390 -13.61 -13.47 8.46
CA SER A 390 -12.85 -14.69 8.23
C SER A 390 -11.48 -14.58 8.90
N MET A 391 -10.83 -13.43 8.75
CA MET A 391 -9.55 -13.22 9.40
C MET A 391 -9.70 -13.20 10.92
N TYR A 392 -10.75 -12.53 11.40
CA TYR A 392 -11.05 -12.48 12.82
C TYR A 392 -11.14 -13.89 13.42
N ALA A 393 -11.75 -14.83 12.69
CA ALA A 393 -12.12 -16.12 13.26
C ALA A 393 -11.11 -17.23 13.01
N ASN A 394 -10.40 -17.21 11.88
CA ASN A 394 -9.54 -18.32 11.49
C ASN A 394 -8.06 -17.98 11.45
N ASP A 395 -7.70 -16.71 11.59
CA ASP A 395 -6.31 -16.28 11.42
C ASP A 395 -5.76 -15.57 12.65
N ARG A 396 -6.45 -15.64 13.79
CA ARG A 396 -6.10 -14.84 14.95
C ARG A 396 -5.46 -15.69 16.04
N SER A 397 -4.49 -15.10 16.75
CA SER A 397 -3.94 -15.71 17.96
C SER A 397 -3.57 -14.60 18.92
N GLU A 398 -4.15 -14.60 20.11
CA GLU A 398 -3.87 -13.56 21.09
C GLU A 398 -2.56 -13.83 21.80
N ILE A 399 -1.82 -12.76 22.10
CA ILE A 399 -0.62 -12.91 22.91
C ILE A 399 -1.04 -13.22 24.34
N VAL A 400 -0.31 -14.15 24.96
CA VAL A 400 -0.56 -14.51 26.35
C VAL A 400 0.44 -13.71 27.19
N PRO A 401 -0.05 -12.91 28.15
CA PRO A 401 0.87 -12.09 28.94
C PRO A 401 1.68 -12.94 29.90
N THR A 402 2.76 -12.34 30.38
CA THR A 402 3.67 -12.96 31.33
C THR A 402 3.77 -12.08 32.57
N LEU A 403 4.46 -12.61 33.59
CA LEU A 403 4.70 -11.85 34.80
C LEU A 403 5.57 -10.62 34.54
N PHE A 404 6.44 -10.67 33.53
CA PHE A 404 7.28 -9.52 33.19
C PHE A 404 6.69 -8.65 32.09
N ASP A 405 6.07 -9.26 31.08
CA ASP A 405 5.47 -8.53 29.97
C ASP A 405 3.96 -8.73 30.03
N SER A 406 3.24 -7.66 30.36
CA SER A 406 1.78 -7.68 30.42
C SER A 406 1.13 -7.13 29.15
N SER A 407 1.79 -7.28 28.01
CA SER A 407 1.28 -6.71 26.77
C SER A 407 0.14 -7.54 26.22
N THR A 408 -0.95 -6.87 25.82
CA THR A 408 -2.13 -7.51 25.29
C THR A 408 -2.35 -7.06 23.84
N GLY A 409 -2.77 -7.99 23.00
CA GLY A 409 -3.05 -7.67 21.61
C GLY A 409 -3.41 -8.92 20.83
N ASP A 410 -3.29 -8.82 19.50
CA ASP A 410 -3.63 -9.89 18.58
C ASP A 410 -2.52 -10.07 17.56
N LEU A 411 -2.27 -11.33 17.20
CA LEU A 411 -1.30 -11.71 16.18
C LEU A 411 -2.02 -12.39 15.01
N TYR A 412 -1.40 -12.34 13.83
CA TYR A 412 -2.05 -12.82 12.62
C TYR A 412 -1.03 -13.45 11.67
N ASP A 413 -1.47 -14.52 10.98
CA ASP A 413 -0.69 -15.23 9.97
C ASP A 413 -1.07 -14.71 8.57
N VAL A 414 -0.51 -15.34 7.53
CA VAL A 414 -0.57 -14.75 6.19
C VAL A 414 -1.93 -14.97 5.55
N SER A 415 -2.54 -16.15 5.76
CA SER A 415 -3.79 -16.49 5.11
C SER A 415 -4.97 -15.99 5.93
N TRP A 416 -5.81 -15.18 5.30
CA TRP A 416 -6.98 -14.63 5.97
C TRP A 416 -8.09 -15.66 6.16
N SER A 417 -7.91 -16.88 5.67
CA SER A 417 -8.85 -17.94 5.92
C SER A 417 -8.13 -19.14 6.52
N GLY A 418 -6.88 -19.36 6.08
CA GLY A 418 -6.11 -20.46 6.54
C GLY A 418 -5.81 -20.35 8.02
N PRO A 419 -5.15 -21.37 8.56
CA PRO A 419 -4.93 -21.42 10.01
C PRO A 419 -3.83 -20.47 10.44
N PHE A 420 -3.80 -20.20 11.74
CA PHE A 420 -2.70 -19.45 12.34
C PHE A 420 -1.60 -20.44 12.72
N ARG A 421 -0.44 -20.27 12.11
CA ARG A 421 0.76 -21.02 12.45
C ARG A 421 1.80 -20.16 13.13
N ASN A 422 2.20 -19.06 12.51
CA ASN A 422 3.11 -18.10 13.14
C ASN A 422 2.68 -16.69 12.75
N ALA A 423 3.31 -15.71 13.40
CA ALA A 423 3.13 -14.31 13.03
C ALA A 423 4.48 -13.73 12.67
N THR A 424 4.49 -12.89 11.64
CA THR A 424 5.64 -12.09 11.26
C THR A 424 5.17 -10.65 11.11
N MET A 425 6.12 -9.71 11.17
CA MET A 425 5.75 -8.30 11.03
C MET A 425 5.02 -8.02 9.73
N PRO A 426 5.51 -8.46 8.56
CA PRO A 426 4.72 -8.23 7.34
C PRO A 426 3.31 -8.83 7.38
N LYS A 427 3.16 -10.02 7.99
CA LYS A 427 1.83 -10.58 8.14
C LYS A 427 0.96 -9.70 9.05
N GLN A 428 1.56 -9.19 10.13
CA GLN A 428 0.83 -8.34 11.07
C GLN A 428 0.46 -7.01 10.44
N ALA A 429 1.40 -6.37 9.74
CA ALA A 429 1.10 -5.12 9.03
C ALA A 429 -0.10 -5.31 8.10
N SER A 430 -0.08 -6.39 7.30
CA SER A 430 -1.22 -6.68 6.42
C SER A 430 -2.51 -6.84 7.22
N ALA A 431 -2.41 -7.52 8.37
CA ALA A 431 -3.57 -7.67 9.25
C ALA A 431 -4.17 -6.32 9.64
N ILE A 432 -3.33 -5.41 10.17
CA ILE A 432 -3.83 -4.10 10.59
C ILE A 432 -4.52 -3.38 9.44
N GLY A 433 -3.96 -3.46 8.24
CA GLY A 433 -4.57 -2.80 7.08
C GLY A 433 -6.01 -3.21 6.83
N LEU A 434 -6.34 -4.49 7.05
CA LEU A 434 -7.70 -4.93 6.82
C LEU A 434 -8.66 -4.38 7.87
N TYR A 435 -8.27 -4.41 9.14
CA TYR A 435 -9.10 -3.81 10.18
C TYR A 435 -9.28 -2.31 9.93
N VAL A 436 -8.18 -1.60 9.67
CA VAL A 436 -8.27 -0.16 9.38
C VAL A 436 -9.13 0.09 8.15
N ALA A 437 -9.15 -0.83 7.19
CA ALA A 437 -9.97 -0.70 5.98
C ALA A 437 -11.47 -0.73 6.30
N ASN A 438 -11.86 -1.26 7.45
CA ASN A 438 -13.26 -1.31 7.87
C ASN A 438 -13.59 -0.30 8.96
N ILE A 439 -12.74 0.69 9.21
CA ILE A 439 -13.05 1.69 10.24
C ILE A 439 -13.85 2.83 9.63
C2 BGC B . 12.97 -6.90 -5.01
C3 BGC B . 12.19 -8.11 -5.23
C4 BGC B . 13.00 -9.37 -5.24
C5 BGC B . 14.16 -9.47 -4.19
C6 BGC B . 15.12 -10.43 -4.63
C1 BGC B . 13.80 -7.11 -3.77
O1 BGC B . 14.37 -5.91 -3.34
O2 BGC B . 12.13 -5.69 -4.80
O3 BGC B . 11.49 -8.10 -6.56
O4 BGC B . 12.10 -10.44 -5.01
O5 BGC B . 14.83 -8.12 -4.06
O6 BGC B . 14.59 -11.72 -4.46
C2 BGC B . 9.69 -7.06 -7.68
C3 BGC B . 8.24 -6.71 -7.58
C4 BGC B . 7.42 -7.91 -7.20
C5 BGC B . 7.94 -8.57 -5.91
C6 BGC B . 7.18 -9.84 -5.68
C1 BGC B . 10.18 -7.71 -6.40
O2 BGC B . 10.49 -5.88 -7.93
O3 BGC B . 7.75 -6.18 -8.84
O4 BGC B . 6.04 -7.54 -7.01
O5 BGC B . 9.36 -8.90 -6.03
O6 BGC B . 7.41 -10.30 -4.38
C2 BGC C . 21.81 -3.77 1.67
C3 BGC C . 20.37 -3.82 1.85
C4 BGC C . 19.65 -3.30 0.66
C5 BGC C . 20.01 -4.17 -0.60
C6 BGC C . 19.33 -3.71 -1.76
C1 BGC C . 22.27 -4.50 0.43
O1 BGC C . 23.62 -4.26 0.24
O2 BGC C . 22.43 -4.37 2.88
O3 BGC C . 20.08 -2.98 3.06
O4 BGC C . 18.24 -3.31 0.86
O5 BGC C . 21.52 -4.07 -0.77
O6 BGC C . 17.98 -3.45 -1.47
C2 BGC C . 19.17 -3.04 5.26
C3 BGC C . 18.05 -3.57 6.08
C4 BGC C . 16.72 -3.38 5.40
C5 BGC C . 16.72 -3.95 4.00
C6 BGC C . 15.47 -3.55 3.29
C1 BGC C . 19.15 -3.62 3.85
O2 BGC C . 20.43 -3.37 5.89
O3 BGC C . 18.02 -2.91 7.37
O4 BGC C . 15.72 -4.07 6.18
O5 BGC C . 17.83 -3.41 3.19
O6 BGC C . 15.82 -2.92 2.08
C2 BGC D . 14.15 -8.72 -13.04
C3 BGC D . 14.41 -7.84 -14.26
C4 BGC D . 13.66 -8.37 -15.48
C5 BGC D . 12.19 -8.58 -15.15
C6 BGC D . 11.39 -9.19 -16.28
C1 BGC D . 12.66 -8.96 -12.84
O1 BGC D . 12.45 -9.84 -11.78
O2 BGC D . 14.69 -8.10 -11.87
O3 BGC D . 15.80 -7.74 -14.53
O4 BGC D . 13.77 -7.46 -16.57
O5 BGC D . 12.07 -9.47 -14.03
O6 BGC D . 10.58 -8.21 -16.92
C2 BGC E . -18.12 2.20 7.71
C3 BGC E . -17.31 0.90 7.60
C4 BGC E . -16.59 0.84 6.26
C5 BGC E . -15.74 2.09 6.07
C6 BGC E . -15.04 2.14 4.74
C1 BGC E . -17.24 3.40 7.44
O1 BGC E . -18.02 4.56 7.43
O2 BGC E . -18.70 2.30 9.01
O3 BGC E . -18.14 -0.23 7.78
O4 BGC E . -15.77 -0.31 6.18
O5 BGC E . -16.57 3.26 6.17
O6 BGC E . -14.26 3.33 4.60
C1 GOL F . 13.03 -1.24 -19.61
O1 GOL F . 14.25 -1.25 -20.30
C2 GOL F . 12.63 -2.71 -19.32
O2 GOL F . 13.68 -3.41 -18.72
C3 GOL F . 11.35 -2.62 -18.43
O3 GOL F . 11.39 -3.66 -17.46
C FMT G . -0.24 2.99 -0.34
O1 FMT G . 0.15 3.75 0.54
O2 FMT G . -1.40 2.96 -0.77
#